data_8BZJ
#
_entry.id   8BZJ
#
_cell.length_a   55.049
_cell.length_b   57.737
_cell.length_c   61.771
_cell.angle_alpha   88.855
_cell.angle_beta   89.175
_cell.angle_gamma   62.120
#
_symmetry.space_group_name_H-M   'P 1'
#
loop_
_entity.id
_entity.type
_entity.pdbx_description
1 polymer 'Serine/threonine-protein kinase 24'
2 non-polymer 8-(4-azanylbutyl)-6-[2-chloranyl-4-(6-methylpyridin-2-yl)phenyl]-2-(methylamino)pyrido[2,3-d]pyrimidin-7-one
3 non-polymer 1,2-ETHANEDIOL
4 water water
#
_entity_poly.entity_id   1
_entity_poly.type   'polypeptide(L)'
_entity_poly.pdbx_seq_one_letter_code
;MRAQLWGLALNKRRATLPHPGGSTNLKADPEELFTKLEKIGKGSFGEVFKGIDNRTQKVVAIKIIDLEEAEDEIEDIQQE
ITVLSQCDSPYVTKYYGSYLKDTKLWIIMEYLGGGSALDLLEPGPLDETQIATILREILKGLDYLHSEKKIHRDIKAANV
LLSEHGEVKLADFGVAGQLTDTQIKRNTFVGTPFWMAPEVIKQSAYDSKADIWSLGITAIELARGEPPHSELHPMKVLFL
IPKNNPPTLEGNYSKPLKEFVEACLNKEPSFRPTAKELLKHKFILRNAKKTSYLTELIDAHHHHHH
;
_entity_poly.pdbx_strand_id   A,B
#
# COMPACT_ATOMS: atom_id res chain seq x y z
N THR A 24 -12.95 34.00 21.08
CA THR A 24 -11.98 33.16 21.78
C THR A 24 -11.93 33.47 23.30
N ASN A 25 -12.17 32.46 24.13
CA ASN A 25 -12.32 32.65 25.57
C ASN A 25 -10.98 32.91 26.26
N LEU A 26 -10.91 33.96 27.09
CA LEU A 26 -9.69 34.34 27.78
C LEU A 26 -9.75 34.27 29.31
N LYS A 27 -10.94 34.06 29.89
CA LYS A 27 -11.11 34.03 31.34
C LYS A 27 -11.11 32.63 31.92
N ALA A 28 -11.75 31.67 31.22
CA ALA A 28 -11.91 30.30 31.70
C ALA A 28 -10.63 29.49 31.46
N ASP A 29 -10.14 28.83 32.50
CA ASP A 29 -8.84 28.16 32.45
C ASP A 29 -8.93 26.83 31.73
N PRO A 30 -8.20 26.63 30.62
CA PRO A 30 -8.37 25.39 29.86
C PRO A 30 -7.77 24.18 30.56
N GLU A 31 -6.82 24.41 31.47
CA GLU A 31 -6.30 23.33 32.29
C GLU A 31 -7.35 22.79 33.27
N GLU A 32 -8.35 23.60 33.65
CA GLU A 32 -9.44 23.06 34.44
C GLU A 32 -10.55 22.46 33.59
N LEU A 33 -10.68 22.92 32.34
CA LEU A 33 -11.79 22.52 31.49
C LEU A 33 -11.52 21.25 30.68
N PHE A 34 -10.26 20.81 30.61
CA PHE A 34 -9.92 19.68 29.77
C PHE A 34 -8.85 18.87 30.45
N THR A 35 -8.98 17.54 30.34
CA THR A 35 -7.94 16.63 30.76
C THR A 35 -7.05 16.35 29.55
N LYS A 36 -5.83 16.87 29.56
CA LYS A 36 -4.86 16.61 28.49
C LYS A 36 -4.27 15.21 28.65
N LEU A 37 -4.26 14.45 27.56
CA LEU A 37 -3.67 13.13 27.52
C LEU A 37 -2.48 13.13 26.56
N GLU A 38 -2.34 12.06 25.77
CA GLU A 38 -1.09 11.78 25.06
C GLU A 38 -0.99 12.59 23.77
N LYS A 39 0.24 12.83 23.35
CA LYS A 39 0.44 13.49 22.06
C LYS A 39 -0.15 12.62 20.96
N ILE A 40 -0.75 13.25 19.96
CA ILE A 40 -1.17 12.55 18.76
C ILE A 40 -0.57 13.18 17.52
N GLY A 41 0.50 13.95 17.70
CA GLY A 41 1.23 14.54 16.59
C GLY A 41 1.67 15.96 16.83
N LYS A 42 2.83 16.31 16.29
CA LYS A 42 3.26 17.71 16.20
C LYS A 42 2.72 18.24 14.89
N GLY A 43 1.79 19.17 14.94
CA GLY A 43 1.18 19.76 13.76
C GLY A 43 1.74 21.14 13.45
N SER A 44 0.87 22.00 12.90
CA SER A 44 1.25 23.37 12.58
C SER A 44 1.54 24.17 13.86
N PHE A 45 2.82 24.52 14.07
CA PHE A 45 3.30 25.43 15.14
C PHE A 45 3.30 24.82 16.54
N GLY A 46 2.46 23.82 16.82
CA GLY A 46 2.43 23.25 18.16
C GLY A 46 2.10 21.77 18.19
N GLU A 47 2.31 21.16 19.35
CA GLU A 47 1.96 19.77 19.56
C GLU A 47 0.45 19.62 19.76
N VAL A 48 -0.06 18.46 19.37
CA VAL A 48 -1.49 18.19 19.48
C VAL A 48 -1.69 16.97 20.38
N PHE A 49 -2.79 17.00 21.13
CA PHE A 49 -3.06 16.02 22.16
C PHE A 49 -4.50 15.55 22.06
N LYS A 50 -4.68 14.25 22.23
CA LYS A 50 -5.95 13.73 22.69
C LYS A 50 -6.24 14.29 24.09
N GLY A 51 -7.48 14.66 24.32
CA GLY A 51 -7.85 15.23 25.61
C GLY A 51 -9.32 14.99 25.86
N ILE A 52 -9.70 15.06 27.11
CA ILE A 52 -11.08 14.82 27.51
C ILE A 52 -11.72 16.16 27.81
N ASP A 53 -12.95 16.34 27.37
CA ASP A 53 -13.74 17.51 27.73
C ASP A 53 -14.43 17.22 29.06
N ASN A 54 -14.00 17.91 30.11
CA ASN A 54 -14.48 17.59 31.45
C ASN A 54 -15.98 17.82 31.61
N ARG A 55 -16.57 18.71 30.79
CA ARG A 55 -18.00 18.97 30.88
C ARG A 55 -18.83 17.79 30.38
N THR A 56 -18.36 17.08 29.33
CA THR A 56 -19.12 16.03 28.67
C THR A 56 -18.43 14.67 28.63
N GLN A 57 -17.15 14.58 28.99
CA GLN A 57 -16.32 13.38 28.84
C GLN A 57 -16.16 12.94 27.38
N LYS A 58 -16.48 13.82 26.42
CA LYS A 58 -16.18 13.56 25.02
C LYS A 58 -14.68 13.73 24.77
N VAL A 59 -14.15 12.99 23.80
CA VAL A 59 -12.73 13.15 23.44
C VAL A 59 -12.58 14.35 22.49
N VAL A 60 -11.49 15.08 22.64
CA VAL A 60 -11.21 16.25 21.82
C VAL A 60 -9.75 16.22 21.44
N ALA A 61 -9.42 16.95 20.38
CA ALA A 61 -8.05 17.18 19.98
C ALA A 61 -7.64 18.57 20.43
N ILE A 62 -6.45 18.68 21.06
CA ILE A 62 -6.03 19.90 21.71
C ILE A 62 -4.69 20.32 21.15
N LYS A 63 -4.67 21.40 20.38
CA LYS A 63 -3.41 21.96 19.89
C LYS A 63 -2.97 23.08 20.81
N ILE A 64 -1.73 23.02 21.26
CA ILE A 64 -1.18 24.05 22.14
C ILE A 64 -0.02 24.71 21.41
N ILE A 65 -0.17 26.00 21.14
CA ILE A 65 0.82 26.81 20.46
C ILE A 65 1.35 27.85 21.44
N ASP A 66 2.65 27.82 21.70
CA ASP A 66 3.30 28.89 22.43
C ASP A 66 3.39 30.13 21.54
N LEU A 67 2.75 31.22 21.97
CA LEU A 67 2.68 32.43 21.14
C LEU A 67 3.94 33.29 21.24
N GLU A 68 4.57 33.39 22.41
CA GLU A 68 5.86 34.10 22.47
C GLU A 68 6.88 33.43 21.57
N GLU A 69 6.85 32.10 21.49
CA GLU A 69 7.79 31.30 20.71
C GLU A 69 7.39 31.12 19.24
N ALA A 70 6.41 31.90 18.75
CA ALA A 70 6.01 31.80 17.36
C ALA A 70 5.22 33.02 16.90
N GLU A 71 5.75 34.22 17.13
CA GLU A 71 4.93 35.42 16.92
C GLU A 71 4.63 35.67 15.46
N ASP A 72 5.60 35.44 14.56
CA ASP A 72 5.45 35.95 13.19
C ASP A 72 4.23 35.36 12.47
N GLU A 73 3.74 34.21 12.93
CA GLU A 73 2.66 33.50 12.25
C GLU A 73 1.31 33.64 12.92
N ILE A 74 1.19 34.50 13.93
CA ILE A 74 -0.06 34.57 14.69
C ILE A 74 -1.23 34.90 13.78
N GLU A 75 -1.01 35.77 12.79
CA GLU A 75 -2.12 36.11 11.91
C GLU A 75 -2.60 34.89 11.13
N ASP A 76 -1.69 33.97 10.81
CA ASP A 76 -2.09 32.75 10.12
C ASP A 76 -2.93 31.88 11.03
N ILE A 77 -2.46 31.67 12.27
CA ILE A 77 -3.25 30.95 13.26
C ILE A 77 -4.62 31.58 13.39
N GLN A 78 -4.65 32.90 13.56
CA GLN A 78 -5.91 33.62 13.68
C GLN A 78 -6.81 33.38 12.47
N GLN A 79 -6.22 33.36 11.27
CA GLN A 79 -7.02 33.16 10.07
C GLN A 79 -7.60 31.75 10.01
N GLU A 80 -6.79 30.72 10.26
CA GLU A 80 -7.34 29.37 10.22
C GLU A 80 -8.40 29.18 11.30
N ILE A 81 -8.24 29.82 12.47
CA ILE A 81 -9.25 29.68 13.52
C ILE A 81 -10.58 30.26 13.06
N THR A 82 -10.54 31.46 12.47
CA THR A 82 -11.79 32.10 12.06
C THR A 82 -12.47 31.30 10.96
N VAL A 83 -11.72 30.85 9.95
CA VAL A 83 -12.36 30.12 8.86
C VAL A 83 -12.87 28.76 9.34
N LEU A 84 -12.24 28.17 10.34
CA LEU A 84 -12.79 26.93 10.87
C LEU A 84 -14.07 27.19 11.64
N SER A 85 -14.14 28.33 12.31
CA SER A 85 -15.34 28.63 13.10
C SER A 85 -16.54 28.93 12.22
N GLN A 86 -16.32 29.34 10.97
CA GLN A 86 -17.45 29.65 10.11
C GLN A 86 -18.02 28.42 9.40
N CYS A 87 -17.41 27.27 9.56
CA CYS A 87 -17.91 26.07 8.93
C CYS A 87 -18.81 25.32 9.89
N ASP A 88 -19.91 24.79 9.37
CA ASP A 88 -20.68 23.78 10.08
C ASP A 88 -21.10 22.78 9.01
N SER A 89 -20.32 21.71 8.88
CA SER A 89 -20.56 20.68 7.88
C SER A 89 -20.11 19.34 8.43
N PRO A 90 -20.79 18.26 8.07
CA PRO A 90 -20.33 16.92 8.46
C PRO A 90 -18.98 16.54 7.88
N TYR A 91 -18.42 17.38 7.01
CA TYR A 91 -17.20 17.05 6.30
C TYR A 91 -16.02 17.93 6.68
N VAL A 92 -16.22 18.93 7.51
CA VAL A 92 -15.14 19.71 8.07
C VAL A 92 -15.10 19.47 9.58
N THR A 93 -13.93 19.07 10.09
CA THR A 93 -13.73 18.87 11.52
C THR A 93 -14.29 20.03 12.33
N LYS A 94 -15.01 19.68 13.39
CA LYS A 94 -15.66 20.69 14.20
C LYS A 94 -14.66 21.48 15.04
N TYR A 95 -14.90 22.78 15.13
CA TYR A 95 -14.09 23.67 15.94
C TYR A 95 -14.86 24.04 17.20
N TYR A 96 -14.24 23.84 18.36
CA TYR A 96 -14.95 24.04 19.62
C TYR A 96 -14.59 25.32 20.36
N GLY A 97 -13.59 26.05 19.92
CA GLY A 97 -13.19 27.26 20.59
C GLY A 97 -11.71 27.25 20.91
N SER A 98 -11.23 28.40 21.37
CA SER A 98 -9.84 28.49 21.75
C SER A 98 -9.72 29.23 23.07
N TYR A 99 -8.58 29.04 23.71
CA TYR A 99 -8.33 29.60 25.03
C TYR A 99 -6.91 30.14 25.05
N LEU A 100 -6.66 31.03 25.99
CA LEU A 100 -5.33 31.58 26.19
C LEU A 100 -5.01 31.44 27.67
N LYS A 101 -3.94 30.71 27.99
CA LYS A 101 -3.41 30.62 29.35
C LYS A 101 -1.95 31.03 29.30
N ASP A 102 -1.56 31.97 30.17
CA ASP A 102 -0.23 32.59 30.11
C ASP A 102 0.06 32.93 28.66
N THR A 103 1.06 32.28 28.06
CA THR A 103 1.47 32.54 26.69
C THR A 103 1.07 31.44 25.72
N LYS A 104 0.31 30.45 26.17
CA LYS A 104 -0.11 29.32 25.35
C LYS A 104 -1.53 29.56 24.85
N LEU A 105 -1.74 29.36 23.56
CA LEU A 105 -3.08 29.32 22.96
C LEU A 105 -3.51 27.86 22.82
N TRP A 106 -4.68 27.51 23.39
CA TRP A 106 -5.24 26.16 23.30
C TRP A 106 -6.32 26.15 22.24
N ILE A 107 -6.18 25.29 21.23
CA ILE A 107 -7.14 25.18 20.15
C ILE A 107 -7.81 23.82 20.25
N ILE A 108 -9.13 23.82 20.38
CA ILE A 108 -9.89 22.62 20.69
C ILE A 108 -10.72 22.25 19.47
N MET A 109 -10.61 21.01 19.04
N MET A 109 -10.62 21.01 19.03
CA MET A 109 -11.31 20.50 17.87
CA MET A 109 -11.39 20.54 17.89
C MET A 109 -11.88 19.13 18.18
C MET A 109 -11.87 19.13 18.15
N GLU A 110 -12.86 18.70 17.39
CA GLU A 110 -13.37 17.34 17.53
C GLU A 110 -12.25 16.36 17.26
N TYR A 111 -12.26 15.26 18.00
CA TYR A 111 -11.23 14.23 17.83
C TYR A 111 -11.77 13.14 16.93
N LEU A 112 -10.95 12.72 15.98
CA LEU A 112 -11.31 11.70 15.00
C LEU A 112 -10.38 10.52 15.19
N GLY A 113 -10.94 9.36 15.58
CA GLY A 113 -10.17 8.23 16.04
C GLY A 113 -9.60 7.29 15.00
N GLY A 114 -9.97 7.46 13.72
CA GLY A 114 -9.42 6.60 12.69
C GLY A 114 -8.07 7.04 12.15
N GLY A 115 -7.66 8.27 12.42
CA GLY A 115 -6.39 8.79 11.92
C GLY A 115 -6.56 9.55 10.62
N SER A 116 -5.43 9.93 10.04
CA SER A 116 -5.51 10.56 8.73
C SER A 116 -5.59 9.50 7.63
N ALA A 117 -6.06 9.91 6.46
CA ALA A 117 -5.90 9.01 5.32
C ALA A 117 -4.44 8.61 5.15
N LEU A 118 -3.50 9.53 5.42
CA LEU A 118 -2.08 9.18 5.30
C LEU A 118 -1.70 8.02 6.20
N ASP A 119 -2.13 8.04 7.47
CA ASP A 119 -1.86 6.92 8.38
C ASP A 119 -2.45 5.61 7.85
N LEU A 120 -3.64 5.66 7.28
CA LEU A 120 -4.25 4.45 6.74
C LEU A 120 -3.55 3.96 5.49
N LEU A 121 -2.53 4.67 5.02
CA LEU A 121 -1.72 4.18 3.91
C LEU A 121 -0.56 3.30 4.37
N GLU A 122 -0.14 3.41 5.64
CA GLU A 122 1.00 2.61 6.10
C GLU A 122 0.76 1.10 5.97
N PRO A 123 -0.35 0.51 6.48
CA PRO A 123 -0.52 -0.95 6.41
C PRO A 123 -0.17 -1.56 5.05
N GLY A 124 -0.65 -0.96 3.96
CA GLY A 124 -0.47 -1.48 2.64
C GLY A 124 -1.10 -0.56 1.62
N PRO A 125 -1.44 -1.06 0.40
CA PRO A 125 -2.04 -0.17 -0.61
C PRO A 125 -3.56 -0.26 -0.67
N LEU A 126 -4.21 0.88 -0.95
CA LEU A 126 -5.66 0.96 -0.95
C LEU A 126 -6.25 0.33 -2.20
N ASP A 127 -7.38 -0.34 -2.06
CA ASP A 127 -8.09 -0.71 -3.27
C ASP A 127 -8.93 0.47 -3.78
N GLU A 128 -9.43 0.33 -5.01
CA GLU A 128 -10.13 1.43 -5.64
C GLU A 128 -11.48 1.74 -4.99
N THR A 129 -12.01 0.81 -4.20
CA THR A 129 -13.20 1.10 -3.41
C THR A 129 -12.88 2.11 -2.32
N GLN A 130 -11.85 1.83 -1.53
CA GLN A 130 -11.49 2.73 -0.45
C GLN A 130 -11.05 4.07 -1.00
N ILE A 131 -10.30 4.05 -2.11
CA ILE A 131 -9.88 5.29 -2.74
C ILE A 131 -11.09 6.11 -3.19
N ALA A 132 -11.97 5.49 -3.97
CA ALA A 132 -13.13 6.21 -4.47
C ALA A 132 -14.00 6.74 -3.33
N THR A 133 -14.06 5.98 -2.24
CA THR A 133 -14.87 6.39 -1.10
C THR A 133 -14.26 7.59 -0.39
N ILE A 134 -12.95 7.55 -0.12
CA ILE A 134 -12.31 8.69 0.53
C ILE A 134 -12.45 9.93 -0.34
N LEU A 135 -12.18 9.78 -1.65
CA LEU A 135 -12.28 10.91 -2.58
C LEU A 135 -13.69 11.48 -2.65
N ARG A 136 -14.72 10.61 -2.63
CA ARG A 136 -16.09 11.14 -2.66
C ARG A 136 -16.37 12.03 -1.45
N GLU A 137 -15.94 11.57 -0.25
CA GLU A 137 -16.21 12.35 0.94
C GLU A 137 -15.41 13.64 0.93
N ILE A 138 -14.17 13.59 0.42
CA ILE A 138 -13.40 14.82 0.23
C ILE A 138 -14.15 15.76 -0.72
N LEU A 139 -14.65 15.22 -1.83
CA LEU A 139 -15.40 16.04 -2.77
C LEU A 139 -16.60 16.71 -2.09
N LYS A 140 -17.25 16.01 -1.17
CA LYS A 140 -18.37 16.62 -0.44
C LYS A 140 -17.92 17.82 0.38
N GLY A 141 -16.85 17.67 1.16
CA GLY A 141 -16.35 18.81 1.91
C GLY A 141 -15.81 19.91 1.01
N LEU A 142 -15.16 19.52 -0.09
CA LEU A 142 -14.75 20.50 -1.07
C LEU A 142 -15.96 21.22 -1.64
N ASP A 143 -17.04 20.48 -1.92
CA ASP A 143 -18.26 21.09 -2.45
C ASP A 143 -18.87 22.04 -1.44
N TYR A 144 -18.94 21.63 -0.17
CA TYR A 144 -19.40 22.52 0.89
C TYR A 144 -18.56 23.79 0.95
N LEU A 145 -17.23 23.62 1.01
CA LEU A 145 -16.37 24.77 1.21
C LEU A 145 -16.50 25.75 0.04
N HIS A 146 -16.59 25.22 -1.18
CA HIS A 146 -16.61 26.10 -2.34
C HIS A 146 -17.95 26.80 -2.51
N SER A 147 -19.05 26.10 -2.18
CA SER A 147 -20.36 26.75 -2.20
C SER A 147 -20.41 27.94 -1.24
N GLU A 148 -19.73 27.85 -0.10
CA GLU A 148 -19.60 28.97 0.83
C GLU A 148 -18.55 29.98 0.41
N LYS A 149 -18.04 29.92 -0.83
CA LYS A 149 -16.96 30.81 -1.28
C LYS A 149 -15.70 30.67 -0.43
N LYS A 150 -15.46 29.47 0.11
CA LYS A 150 -14.25 29.18 0.87
C LYS A 150 -13.32 28.29 0.05
N ILE A 151 -12.02 28.36 0.32
CA ILE A 151 -11.02 27.50 -0.33
C ILE A 151 -10.25 26.76 0.75
N HIS A 152 -10.13 25.43 0.62
CA HIS A 152 -9.35 24.71 1.64
C HIS A 152 -7.89 25.12 1.62
N ARG A 153 -7.23 25.00 0.47
CA ARG A 153 -5.86 25.39 0.19
C ARG A 153 -4.79 24.41 0.68
N ASP A 154 -5.14 23.29 1.31
CA ASP A 154 -4.10 22.34 1.69
C ASP A 154 -4.66 20.92 1.72
N ILE A 155 -5.28 20.52 0.61
CA ILE A 155 -5.82 19.19 0.45
C ILE A 155 -4.69 18.18 0.20
N LYS A 156 -4.67 17.13 1.02
CA LYS A 156 -3.68 16.07 0.97
C LYS A 156 -4.11 14.99 1.96
N ALA A 157 -3.50 13.80 1.86
CA ALA A 157 -3.96 12.69 2.69
C ALA A 157 -3.70 12.95 4.18
N ALA A 158 -2.64 13.69 4.51
CA ALA A 158 -2.37 13.97 5.91
C ALA A 158 -3.37 14.91 6.55
N ASN A 159 -4.17 15.64 5.75
CA ASN A 159 -5.15 16.59 6.25
C ASN A 159 -6.58 16.10 6.12
N VAL A 160 -6.75 14.83 5.80
CA VAL A 160 -8.05 14.18 5.71
C VAL A 160 -8.11 13.16 6.85
N LEU A 161 -9.02 13.37 7.80
CA LEU A 161 -9.13 12.55 9.01
C LEU A 161 -10.41 11.74 9.00
N LEU A 162 -10.34 10.55 9.56
CA LEU A 162 -11.45 9.62 9.63
C LEU A 162 -11.86 9.40 11.07
N SER A 163 -13.17 9.24 11.28
CA SER A 163 -13.66 8.90 12.61
C SER A 163 -13.52 7.39 12.83
N GLU A 164 -13.76 6.96 14.07
CA GLU A 164 -13.80 5.52 14.33
C GLU A 164 -14.71 4.81 13.33
N HIS A 165 -15.81 5.45 12.94
CA HIS A 165 -16.82 4.83 12.07
C HIS A 165 -16.57 5.08 10.59
N GLY A 166 -15.43 5.63 10.22
CA GLY A 166 -15.14 5.83 8.82
C GLY A 166 -15.71 7.08 8.18
N GLU A 167 -16.36 7.96 8.94
CA GLU A 167 -16.67 9.26 8.35
C GLU A 167 -15.38 9.95 7.96
N VAL A 168 -15.40 10.68 6.84
CA VAL A 168 -14.23 11.35 6.32
C VAL A 168 -14.43 12.85 6.43
N LYS A 169 -13.48 13.54 7.06
CA LYS A 169 -13.57 14.98 7.28
C LYS A 169 -12.28 15.69 6.90
N LEU A 170 -12.40 16.95 6.53
CA LEU A 170 -11.22 17.73 6.22
C LEU A 170 -10.74 18.51 7.44
N ALA A 171 -9.42 18.73 7.49
CA ALA A 171 -8.78 19.42 8.59
C ALA A 171 -7.63 20.30 8.07
N ASP A 172 -7.03 21.05 8.98
CA ASP A 172 -5.80 21.83 8.73
C ASP A 172 -5.88 22.70 7.48
N PHE A 173 -6.86 23.61 7.45
CA PHE A 173 -6.96 24.50 6.29
C PHE A 173 -5.62 25.17 6.00
N GLY A 174 -5.39 25.58 4.73
CA GLY A 174 -4.12 26.13 4.36
C GLY A 174 -4.08 27.65 4.47
N VAL A 175 -2.85 28.18 4.55
CA VAL A 175 -2.66 29.60 4.82
C VAL A 175 -3.12 30.41 3.61
N ALA A 176 -3.88 31.47 3.86
CA ALA A 176 -4.39 32.33 2.80
C ALA A 176 -3.26 33.04 2.05
N THR A 192 6.51 22.40 2.03
CA THR A 192 6.32 21.37 1.02
C THR A 192 5.41 21.89 -0.09
N PRO A 193 5.81 21.74 -1.33
CA PRO A 193 4.96 22.18 -2.45
C PRO A 193 4.26 21.08 -3.25
N PHE A 194 4.45 19.80 -2.89
CA PHE A 194 4.07 18.73 -3.80
C PHE A 194 2.61 18.76 -4.20
N TRP A 195 1.73 19.31 -3.37
CA TRP A 195 0.30 19.29 -3.65
C TRP A 195 -0.22 20.56 -4.28
N MET A 196 0.65 21.55 -4.47
CA MET A 196 0.26 22.87 -4.95
C MET A 196 -0.08 22.89 -6.45
N ALA A 197 -1.18 23.55 -6.77
CA ALA A 197 -1.50 23.87 -8.15
C ALA A 197 -0.49 24.88 -8.69
N PRO A 198 -0.19 24.82 -9.99
CA PRO A 198 0.83 25.71 -10.55
C PRO A 198 0.48 27.19 -10.44
N GLU A 199 -0.78 27.57 -10.69
CA GLU A 199 -1.15 28.95 -10.44
C GLU A 199 -0.92 29.37 -9.00
N VAL A 200 -0.86 28.42 -8.07
CA VAL A 200 -0.60 28.79 -6.68
C VAL A 200 0.88 29.04 -6.49
N ILE A 201 1.71 28.23 -7.11
CA ILE A 201 3.15 28.43 -7.05
C ILE A 201 3.55 29.69 -7.81
N LYS A 202 3.01 29.88 -9.01
CA LYS A 202 3.33 31.08 -9.77
C LYS A 202 2.65 32.29 -9.10
N GLN A 203 2.76 32.35 -7.76
CA GLN A 203 2.01 33.18 -6.80
C GLN A 203 0.97 34.10 -7.44
N SER A 204 0.23 33.55 -8.40
CA SER A 204 -0.84 34.25 -9.08
C SER A 204 -2.14 33.94 -8.35
N ALA A 205 -2.80 34.97 -7.81
CA ALA A 205 -4.04 34.79 -7.05
C ALA A 205 -4.95 33.76 -7.72
N TYR A 206 -5.58 32.92 -6.90
CA TYR A 206 -6.24 31.73 -7.41
C TYR A 206 -7.65 31.57 -6.83
N ASP A 207 -8.27 30.41 -7.04
CA ASP A 207 -9.64 30.21 -6.63
C ASP A 207 -9.84 28.76 -6.21
N SER A 208 -11.11 28.33 -6.15
CA SER A 208 -11.42 26.98 -5.68
C SER A 208 -10.78 25.91 -6.54
N LYS A 209 -10.52 26.20 -7.82
CA LYS A 209 -9.97 25.19 -8.71
C LYS A 209 -8.58 24.74 -8.29
N ALA A 210 -7.92 25.51 -7.43
CA ALA A 210 -6.66 25.05 -6.86
C ALA A 210 -6.89 23.82 -5.96
N ASP A 211 -8.06 23.76 -5.30
CA ASP A 211 -8.36 22.59 -4.50
C ASP A 211 -8.55 21.37 -5.37
N ILE A 212 -9.09 21.56 -6.58
CA ILE A 212 -9.29 20.42 -7.48
C ILE A 212 -7.94 19.85 -7.94
N TRP A 213 -6.98 20.72 -8.21
CA TRP A 213 -5.63 20.22 -8.52
C TRP A 213 -5.09 19.40 -7.37
N SER A 214 -5.21 19.93 -6.15
CA SER A 214 -4.68 19.22 -4.99
C SER A 214 -5.45 17.93 -4.77
N LEU A 215 -6.76 17.95 -5.04
CA LEU A 215 -7.50 16.70 -5.02
C LEU A 215 -6.86 15.69 -5.96
N GLY A 216 -6.49 16.13 -7.17
CA GLY A 216 -5.89 15.21 -8.12
C GLY A 216 -4.60 14.60 -7.61
N ILE A 217 -3.71 15.45 -7.10
CA ILE A 217 -2.48 14.95 -6.47
C ILE A 217 -2.82 13.99 -5.33
N THR A 218 -3.88 14.30 -4.56
CA THR A 218 -4.23 13.42 -3.45
C THR A 218 -4.74 12.08 -3.96
N ALA A 219 -5.43 12.07 -5.09
CA ALA A 219 -5.81 10.79 -5.70
C ALA A 219 -4.59 9.96 -6.02
N ILE A 220 -3.54 10.59 -6.56
CA ILE A 220 -2.30 9.85 -6.83
C ILE A 220 -1.72 9.33 -5.54
N GLU A 221 -1.61 10.21 -4.54
CA GLU A 221 -1.14 9.85 -3.23
C GLU A 221 -1.93 8.66 -2.67
N LEU A 222 -3.24 8.65 -2.87
CA LEU A 222 -4.01 7.55 -2.34
C LEU A 222 -3.69 6.24 -3.05
N ALA A 223 -3.47 6.29 -4.37
CA ALA A 223 -3.18 5.09 -5.16
C ALA A 223 -1.74 4.62 -4.98
N ARG A 224 -0.77 5.53 -4.99
CA ARG A 224 0.63 5.13 -4.99
C ARG A 224 1.32 5.35 -3.66
N GLY A 225 0.68 5.98 -2.70
CA GLY A 225 1.30 6.22 -1.41
C GLY A 225 2.02 7.55 -1.25
N GLU A 226 2.34 8.24 -2.35
CA GLU A 226 3.11 9.48 -2.22
C GLU A 226 2.91 10.35 -3.46
N PRO A 227 2.89 11.67 -3.30
CA PRO A 227 2.60 12.56 -4.44
C PRO A 227 3.68 12.48 -5.49
N PRO A 228 3.39 12.92 -6.72
CA PRO A 228 4.45 13.08 -7.72
C PRO A 228 5.66 13.81 -7.14
N HIS A 229 6.83 13.56 -7.73
CA HIS A 229 8.09 14.24 -7.42
C HIS A 229 8.54 14.08 -5.97
N SER A 230 7.93 13.17 -5.21
CA SER A 230 8.17 13.10 -3.77
C SER A 230 9.63 12.83 -3.43
N GLU A 231 10.38 12.25 -4.35
CA GLU A 231 11.78 11.93 -4.17
C GLU A 231 12.71 13.14 -4.29
N LEU A 232 12.19 14.32 -4.63
CA LEU A 232 13.01 15.42 -5.11
C LEU A 232 13.04 16.55 -4.12
N HIS A 233 14.03 17.41 -4.28
CA HIS A 233 14.19 18.51 -3.35
C HIS A 233 13.07 19.52 -3.56
N PRO A 234 12.41 19.98 -2.49
CA PRO A 234 11.27 20.88 -2.66
C PRO A 234 11.54 22.03 -3.59
N MET A 235 12.75 22.61 -3.55
CA MET A 235 13.00 23.74 -4.42
C MET A 235 13.09 23.31 -5.88
N LYS A 236 13.46 22.06 -6.15
CA LYS A 236 13.34 21.58 -7.52
C LYS A 236 11.87 21.47 -7.91
N VAL A 237 11.05 20.96 -7.00
CA VAL A 237 9.62 20.79 -7.29
C VAL A 237 8.98 22.14 -7.58
N LEU A 238 9.45 23.20 -6.92
CA LEU A 238 8.83 24.52 -7.06
C LEU A 238 8.85 25.01 -8.49
N PHE A 239 9.83 24.60 -9.28
CA PHE A 239 9.81 25.00 -10.68
C PHE A 239 9.40 23.87 -11.61
N LEU A 240 9.37 22.61 -11.14
CA LEU A 240 8.90 21.54 -12.00
C LEU A 240 7.40 21.65 -12.22
N ILE A 241 6.65 21.93 -11.16
CA ILE A 241 5.19 21.96 -11.28
C ILE A 241 4.73 22.99 -12.31
N PRO A 242 5.16 24.27 -12.26
CA PRO A 242 4.80 25.17 -13.36
C PRO A 242 5.44 24.77 -14.68
N LYS A 243 6.68 24.28 -14.66
CA LYS A 243 7.35 23.91 -15.91
C LYS A 243 6.70 22.71 -16.60
N ASN A 244 6.64 21.56 -15.92
CA ASN A 244 6.35 20.29 -16.58
C ASN A 244 4.88 20.13 -16.97
N ASN A 245 4.64 19.09 -17.78
CA ASN A 245 3.30 18.62 -18.07
C ASN A 245 2.69 18.04 -16.79
N PRO A 246 1.36 18.04 -16.69
CA PRO A 246 0.74 17.59 -15.45
C PRO A 246 1.12 16.15 -15.14
N PRO A 247 1.21 15.80 -13.86
CA PRO A 247 1.47 14.40 -13.51
C PRO A 247 0.31 13.53 -13.98
N THR A 248 0.62 12.28 -14.31
CA THR A 248 -0.43 11.29 -14.55
C THR A 248 -0.26 10.10 -13.63
N LEU A 249 -1.36 9.40 -13.42
CA LEU A 249 -1.33 8.20 -12.60
C LEU A 249 -0.77 7.07 -13.44
N GLU A 250 0.45 6.65 -13.14
CA GLU A 250 1.03 5.47 -13.74
C GLU A 250 0.80 4.26 -12.83
N GLY A 251 0.49 3.13 -13.46
CA GLY A 251 0.29 1.89 -12.74
C GLY A 251 -0.91 1.11 -13.25
N ASN A 252 -1.10 -0.09 -12.69
CA ASN A 252 -2.19 -0.95 -13.11
C ASN A 252 -3.47 -0.54 -12.38
N TYR A 253 -4.01 0.62 -12.78
CA TYR A 253 -5.22 1.19 -12.19
C TYR A 253 -6.29 1.37 -13.26
N SER A 254 -7.55 1.43 -12.83
CA SER A 254 -8.65 1.41 -13.77
C SER A 254 -8.68 2.71 -14.56
N LYS A 255 -9.13 2.61 -15.81
CA LYS A 255 -9.24 3.80 -16.66
C LYS A 255 -10.05 4.91 -16.01
N PRO A 256 -11.25 4.66 -15.46
CA PRO A 256 -11.99 5.78 -14.82
C PRO A 256 -11.21 6.50 -13.72
N LEU A 257 -10.40 5.77 -12.95
CA LEU A 257 -9.56 6.43 -11.95
C LEU A 257 -8.46 7.25 -12.62
N LYS A 258 -7.85 6.74 -13.68
CA LYS A 258 -6.81 7.52 -14.34
C LYS A 258 -7.39 8.81 -14.91
N GLU A 259 -8.57 8.70 -15.53
CA GLU A 259 -9.20 9.90 -16.07
C GLU A 259 -9.57 10.89 -14.99
N PHE A 260 -10.00 10.39 -13.81
CA PHE A 260 -10.22 11.26 -12.65
C PHE A 260 -9.00 12.13 -12.37
N VAL A 261 -7.83 11.49 -12.26
CA VAL A 261 -6.61 12.24 -12.01
C VAL A 261 -6.37 13.24 -13.14
N GLU A 262 -6.55 12.80 -14.38
CA GLU A 262 -6.27 13.67 -15.52
C GLU A 262 -7.23 14.87 -15.56
N ALA A 263 -8.51 14.65 -15.23
CA ALA A 263 -9.44 15.77 -15.17
C ALA A 263 -9.01 16.78 -14.11
N CYS A 264 -8.59 16.31 -12.93
CA CYS A 264 -8.15 17.24 -11.90
C CYS A 264 -6.87 17.96 -12.30
N LEU A 265 -5.95 17.27 -12.96
CA LEU A 265 -4.60 17.80 -13.15
C LEU A 265 -4.45 18.46 -14.53
N ASN A 266 -5.22 19.51 -14.73
CA ASN A 266 -5.09 20.37 -15.89
C ASN A 266 -4.31 21.63 -15.51
N LYS A 267 -3.27 21.97 -16.29
CA LYS A 267 -2.48 23.17 -15.98
C LYS A 267 -3.36 24.42 -15.89
N GLU A 268 -4.29 24.57 -16.82
CA GLU A 268 -5.21 25.72 -16.82
C GLU A 268 -6.33 25.50 -15.81
N PRO A 269 -6.47 26.34 -14.79
CA PRO A 269 -7.46 26.07 -13.75
C PRO A 269 -8.89 26.04 -14.25
N SER A 270 -9.24 26.89 -15.22
CA SER A 270 -10.65 26.98 -15.56
C SER A 270 -11.11 25.75 -16.30
N PHE A 271 -10.20 24.85 -16.65
CA PHE A 271 -10.50 23.62 -17.34
C PHE A 271 -10.70 22.45 -16.39
N ARG A 272 -10.50 22.67 -15.08
CA ARG A 272 -10.74 21.58 -14.17
C ARG A 272 -12.22 21.49 -13.82
N PRO A 273 -12.73 20.30 -13.51
CA PRO A 273 -14.12 20.17 -13.06
C PRO A 273 -14.33 20.87 -11.73
N THR A 274 -15.59 21.24 -11.48
CA THR A 274 -16.00 21.57 -10.12
C THR A 274 -16.13 20.29 -9.28
N ALA A 275 -16.16 20.46 -7.96
CA ALA A 275 -16.37 19.30 -7.09
C ALA A 275 -17.73 18.68 -7.33
N LYS A 276 -18.76 19.53 -7.44
CA LYS A 276 -20.09 19.06 -7.81
C LYS A 276 -20.05 18.19 -9.05
N GLU A 277 -19.36 18.66 -10.10
CA GLU A 277 -19.19 17.84 -11.30
C GLU A 277 -18.48 16.53 -11.01
N LEU A 278 -17.43 16.59 -10.18
CA LEU A 278 -16.62 15.41 -9.94
C LEU A 278 -17.36 14.39 -9.08
N LEU A 279 -18.34 14.82 -8.29
CA LEU A 279 -19.09 13.85 -7.52
C LEU A 279 -19.94 12.96 -8.42
N LYS A 280 -20.20 13.39 -9.65
CA LYS A 280 -20.91 12.61 -10.64
C LYS A 280 -19.98 11.81 -11.55
N HIS A 281 -18.67 11.81 -11.27
CA HIS A 281 -17.69 11.19 -12.16
C HIS A 281 -17.81 9.68 -12.11
N LYS A 282 -17.57 9.05 -13.26
CA LYS A 282 -17.81 7.61 -13.34
C LYS A 282 -16.97 6.87 -12.32
N PHE A 283 -15.74 7.33 -12.04
CA PHE A 283 -14.93 6.59 -11.09
C PHE A 283 -15.60 6.55 -9.73
N ILE A 284 -16.10 7.69 -9.27
CA ILE A 284 -16.78 7.77 -7.98
C ILE A 284 -18.05 6.92 -8.01
N LEU A 285 -18.87 7.11 -9.05
CA LEU A 285 -20.20 6.50 -9.04
C LEU A 285 -20.14 4.97 -9.06
N ARG A 286 -19.17 4.39 -9.79
CA ARG A 286 -19.03 2.94 -9.80
C ARG A 286 -18.32 2.38 -8.59
N ASN A 287 -17.35 3.08 -8.03
CA ASN A 287 -16.52 2.46 -7.01
C ASN A 287 -16.83 2.89 -5.59
N ALA A 288 -17.51 4.01 -5.37
CA ALA A 288 -17.63 4.54 -4.01
C ALA A 288 -18.78 3.85 -3.26
N LYS A 289 -18.46 3.16 -2.18
CA LYS A 289 -19.45 2.50 -1.33
C LYS A 289 -19.68 3.32 -0.05
N LYS A 290 -20.35 2.72 0.94
CA LYS A 290 -20.70 3.45 2.15
C LYS A 290 -19.47 3.65 3.04
N THR A 291 -19.42 4.80 3.72
CA THR A 291 -18.22 5.14 4.49
C THR A 291 -17.96 4.12 5.57
N SER A 292 -19.03 3.48 6.07
CA SER A 292 -18.89 2.44 7.09
C SER A 292 -17.90 1.37 6.67
N TYR A 293 -17.86 1.04 5.38
CA TYR A 293 -16.93 0.01 4.93
C TYR A 293 -15.49 0.36 5.26
N LEU A 294 -15.17 1.62 5.51
CA LEU A 294 -13.78 1.99 5.82
C LEU A 294 -13.34 1.58 7.24
N THR A 295 -14.27 1.18 8.12
CA THR A 295 -13.88 0.69 9.45
C THR A 295 -12.94 -0.50 9.36
N GLU A 296 -13.13 -1.36 8.36
CA GLU A 296 -12.15 -2.41 8.10
C GLU A 296 -10.77 -1.83 7.89
N LEU A 297 -10.66 -0.75 7.11
CA LEU A 297 -9.37 -0.15 6.81
C LEU A 297 -8.71 0.42 8.07
N ILE A 298 -9.51 0.98 8.98
CA ILE A 298 -8.96 1.48 10.24
C ILE A 298 -8.56 0.33 11.16
N ASP A 299 -9.37 -0.75 11.19
CA ASP A 299 -9.04 -1.90 12.04
C ASP A 299 -7.68 -2.49 11.68
N ALA A 300 -7.40 -2.60 10.38
CA ALA A 300 -6.08 -3.05 9.95
C ALA A 300 -4.97 -2.16 10.51
N HIS A 301 -5.19 -0.84 10.51
CA HIS A 301 -4.14 0.08 10.96
C HIS A 301 -3.96 0.05 12.48
N HIS A 302 -4.96 -0.38 13.23
CA HIS A 302 -4.88 -0.44 14.70
C HIS A 302 -4.30 -1.76 15.20
N HIS A 303 -4.43 -2.84 14.44
CA HIS A 303 -3.65 -4.05 14.72
C HIS A 303 -2.19 -3.83 14.33
N HIS A 304 -1.96 -3.35 13.10
CA HIS A 304 -0.62 -3.00 12.62
C HIS A 304 0.08 -1.99 13.55
N THR B 24 -16.47 -21.33 -8.39
CA THR B 24 -16.17 -21.18 -9.81
C THR B 24 -17.43 -20.84 -10.59
N ASN B 25 -17.51 -19.60 -11.08
CA ASN B 25 -18.66 -19.17 -11.86
C ASN B 25 -18.76 -19.96 -13.15
N LEU B 26 -19.94 -20.52 -13.45
CA LEU B 26 -20.12 -21.35 -14.64
C LEU B 26 -21.20 -20.83 -15.58
N LYS B 27 -21.57 -19.54 -15.46
CA LYS B 27 -22.60 -18.94 -16.31
C LYS B 27 -22.16 -17.68 -17.06
N ALA B 28 -21.00 -17.09 -16.73
CA ALA B 28 -20.53 -15.83 -17.31
C ALA B 28 -19.33 -16.11 -18.20
N ASP B 29 -19.45 -15.75 -19.48
CA ASP B 29 -18.41 -16.15 -20.45
C ASP B 29 -17.14 -15.32 -20.22
N PRO B 30 -16.01 -15.95 -19.86
CA PRO B 30 -14.79 -15.16 -19.67
C PRO B 30 -14.30 -14.50 -20.94
N GLU B 31 -14.57 -15.08 -22.11
CA GLU B 31 -14.22 -14.44 -23.37
C GLU B 31 -15.00 -13.14 -23.59
N GLU B 32 -16.18 -12.99 -22.96
CA GLU B 32 -16.85 -11.70 -23.00
C GLU B 32 -16.25 -10.75 -21.97
N LEU B 33 -15.96 -11.27 -20.76
CA LEU B 33 -15.51 -10.44 -19.64
C LEU B 33 -14.07 -9.94 -19.75
N PHE B 34 -13.21 -10.65 -20.46
CA PHE B 34 -11.80 -10.32 -20.52
C PHE B 34 -11.34 -10.31 -21.96
N THR B 35 -10.36 -9.47 -22.26
CA THR B 35 -9.62 -9.58 -23.49
C THR B 35 -8.34 -10.33 -23.17
N LYS B 36 -8.01 -11.33 -23.97
CA LYS B 36 -6.82 -12.15 -23.74
C LYS B 36 -5.70 -11.62 -24.63
N LEU B 37 -4.51 -11.46 -24.05
CA LEU B 37 -3.38 -10.93 -24.78
C LEU B 37 -2.25 -11.94 -24.84
N GLU B 38 -1.02 -11.47 -24.69
CA GLU B 38 0.13 -12.31 -24.98
C GLU B 38 0.41 -13.26 -23.82
N LYS B 39 0.95 -14.42 -24.17
CA LYS B 39 1.42 -15.34 -23.15
C LYS B 39 2.51 -14.64 -22.37
N ILE B 40 2.35 -14.63 -21.05
CA ILE B 40 3.42 -14.23 -20.14
C ILE B 40 4.03 -15.51 -19.60
N GLY B 41 4.36 -16.43 -20.51
CA GLY B 41 4.98 -17.69 -20.17
C GLY B 41 3.99 -18.77 -19.83
N LYS B 42 4.49 -20.01 -19.80
CA LYS B 42 3.71 -21.17 -19.35
C LYS B 42 3.49 -21.09 -17.85
N GLY B 43 3.10 -22.22 -17.27
CA GLY B 43 2.77 -22.28 -15.87
C GLY B 43 2.28 -23.67 -15.55
N SER B 44 1.86 -23.85 -14.30
CA SER B 44 1.34 -25.14 -13.85
C SER B 44 0.04 -25.48 -14.59
N PHE B 45 0.02 -26.63 -15.26
CA PHE B 45 -1.17 -27.23 -15.87
C PHE B 45 -1.71 -26.44 -17.07
N GLY B 46 -1.23 -25.23 -17.29
CA GLY B 46 -1.76 -24.47 -18.41
C GLY B 46 -0.93 -23.23 -18.67
N GLU B 47 -1.30 -22.53 -19.74
CA GLU B 47 -0.58 -21.34 -20.16
C GLU B 47 -1.22 -20.11 -19.52
N VAL B 48 -0.37 -19.12 -19.24
CA VAL B 48 -0.80 -17.90 -18.55
C VAL B 48 -0.67 -16.71 -19.51
N PHE B 49 -1.73 -15.90 -19.55
CA PHE B 49 -1.85 -14.79 -20.49
C PHE B 49 -2.08 -13.48 -19.75
N LYS B 50 -1.40 -12.44 -20.20
CA LYS B 50 -1.82 -11.09 -19.87
C LYS B 50 -3.19 -10.84 -20.48
N GLY B 51 -4.08 -10.19 -19.72
CA GLY B 51 -5.37 -9.86 -20.26
C GLY B 51 -5.92 -8.58 -19.64
N ILE B 52 -6.94 -8.03 -20.27
CA ILE B 52 -7.63 -6.85 -19.75
C ILE B 52 -9.02 -7.26 -19.24
N ASP B 53 -9.33 -6.89 -18.01
CA ASP B 53 -10.70 -6.88 -17.52
C ASP B 53 -11.47 -5.80 -18.28
N ASN B 54 -12.42 -6.22 -19.11
CA ASN B 54 -13.14 -5.30 -19.99
C ASN B 54 -14.06 -4.33 -19.26
N ARG B 55 -14.42 -4.61 -18.01
CA ARG B 55 -15.29 -3.76 -17.19
C ARG B 55 -14.57 -2.63 -16.46
N THR B 56 -13.22 -2.67 -16.40
CA THR B 56 -12.42 -1.67 -15.67
C THR B 56 -11.19 -1.23 -16.44
N GLN B 57 -10.69 -2.02 -17.39
CA GLN B 57 -9.47 -1.83 -18.17
C GLN B 57 -8.21 -2.12 -17.35
N LYS B 58 -8.32 -2.49 -16.08
CA LYS B 58 -7.19 -3.05 -15.33
C LYS B 58 -6.68 -4.31 -16.01
N VAL B 59 -5.36 -4.51 -15.95
CA VAL B 59 -4.71 -5.68 -16.54
C VAL B 59 -4.74 -6.82 -15.53
N VAL B 60 -5.01 -8.03 -16.04
CA VAL B 60 -5.13 -9.22 -15.22
C VAL B 60 -4.17 -10.27 -15.76
N ALA B 61 -3.86 -11.26 -14.93
CA ALA B 61 -3.18 -12.46 -15.39
C ALA B 61 -4.19 -13.60 -15.47
N ILE B 62 -4.23 -14.27 -16.61
CA ILE B 62 -5.22 -15.31 -16.89
C ILE B 62 -4.50 -16.63 -17.14
N LYS B 63 -4.76 -17.61 -16.29
CA LYS B 63 -4.30 -18.96 -16.54
C LYS B 63 -5.42 -19.78 -17.17
N ILE B 64 -5.11 -20.50 -18.24
CA ILE B 64 -6.07 -21.31 -18.95
C ILE B 64 -5.65 -22.78 -18.85
N ILE B 65 -6.54 -23.62 -18.32
CA ILE B 65 -6.26 -25.02 -18.07
C ILE B 65 -7.30 -25.85 -18.79
N ASP B 66 -6.87 -26.64 -19.77
CA ASP B 66 -7.80 -27.61 -20.37
C ASP B 66 -8.03 -28.75 -19.38
N LEU B 67 -9.23 -28.80 -18.81
CA LEU B 67 -9.57 -29.83 -17.83
C LEU B 67 -9.86 -31.19 -18.46
N GLU B 68 -10.01 -31.24 -19.80
CA GLU B 68 -10.12 -32.51 -20.50
C GLU B 68 -8.77 -33.23 -20.53
N GLU B 69 -7.69 -32.49 -20.83
CA GLU B 69 -6.34 -33.02 -20.93
C GLU B 69 -5.71 -33.11 -19.55
N ALA B 70 -6.52 -33.43 -18.55
CA ALA B 70 -6.07 -33.57 -17.17
C ALA B 70 -7.11 -34.39 -16.44
N GLU B 71 -6.76 -34.83 -15.24
CA GLU B 71 -7.71 -35.63 -14.49
C GLU B 71 -7.33 -35.66 -13.02
N ASP B 72 -6.26 -36.41 -12.69
CA ASP B 72 -5.80 -36.42 -11.30
C ASP B 72 -5.28 -35.05 -10.88
N GLU B 73 -4.81 -34.25 -11.85
CA GLU B 73 -4.36 -32.91 -11.53
C GLU B 73 -5.48 -32.04 -10.97
N ILE B 74 -6.74 -32.32 -11.36
CA ILE B 74 -7.86 -31.43 -11.05
C ILE B 74 -7.89 -31.07 -9.58
N GLU B 75 -7.82 -32.08 -8.71
CA GLU B 75 -8.00 -31.83 -7.29
C GLU B 75 -6.94 -30.88 -6.76
N ASP B 76 -5.76 -30.90 -7.35
CA ASP B 76 -4.72 -29.95 -6.97
C ASP B 76 -5.13 -28.53 -7.32
N ILE B 77 -5.57 -28.33 -8.57
CA ILE B 77 -6.08 -27.03 -8.98
C ILE B 77 -7.10 -26.50 -7.99
N GLN B 78 -8.07 -27.35 -7.62
CA GLN B 78 -9.14 -26.87 -6.75
C GLN B 78 -8.59 -26.52 -5.37
N GLN B 79 -7.58 -27.26 -4.93
CA GLN B 79 -7.01 -26.98 -3.62
C GLN B 79 -6.27 -25.65 -3.61
N GLU B 80 -5.59 -25.32 -4.72
CA GLU B 80 -4.89 -24.04 -4.80
C GLU B 80 -5.87 -22.89 -4.93
N ILE B 81 -6.94 -23.07 -5.71
CA ILE B 81 -7.97 -22.04 -5.81
C ILE B 81 -8.54 -21.74 -4.42
N THR B 82 -8.68 -22.78 -3.59
CA THR B 82 -9.24 -22.59 -2.27
C THR B 82 -8.34 -21.70 -1.42
N VAL B 83 -7.06 -22.07 -1.29
CA VAL B 83 -6.17 -21.31 -0.41
C VAL B 83 -6.04 -19.88 -0.91
N LEU B 84 -6.08 -19.68 -2.24
CA LEU B 84 -6.00 -18.33 -2.78
C LEU B 84 -7.26 -17.54 -2.48
N SER B 85 -8.41 -18.19 -2.50
CA SER B 85 -9.64 -17.51 -2.09
C SER B 85 -9.53 -16.99 -0.67
N GLN B 86 -8.92 -17.76 0.22
CA GLN B 86 -8.92 -17.41 1.64
C GLN B 86 -7.87 -16.37 2.02
N CYS B 87 -7.10 -15.86 1.07
CA CYS B 87 -6.02 -14.92 1.39
C CYS B 87 -6.48 -13.51 1.09
N ASP B 88 -6.24 -12.61 2.04
CA ASP B 88 -6.43 -11.18 1.81
C ASP B 88 -5.22 -10.49 2.43
N SER B 89 -4.23 -10.19 1.60
CA SER B 89 -3.00 -9.60 2.07
C SER B 89 -2.34 -8.85 0.93
N PRO B 90 -1.75 -7.69 1.20
CA PRO B 90 -0.92 -7.04 0.17
C PRO B 90 0.27 -7.87 -0.24
N TYR B 91 0.62 -8.91 0.51
CA TYR B 91 1.79 -9.71 0.24
C TYR B 91 1.47 -11.01 -0.51
N VAL B 92 0.22 -11.24 -0.91
CA VAL B 92 -0.13 -12.42 -1.69
C VAL B 92 -0.86 -11.98 -2.95
N THR B 93 -0.54 -12.61 -4.09
CA THR B 93 -1.19 -12.22 -5.34
C THR B 93 -2.71 -12.38 -5.23
N LYS B 94 -3.43 -11.34 -5.64
CA LYS B 94 -4.88 -11.32 -5.55
C LYS B 94 -5.52 -12.30 -6.54
N TYR B 95 -6.49 -13.07 -6.06
CA TYR B 95 -7.25 -14.02 -6.88
C TYR B 95 -8.61 -13.40 -7.18
N TYR B 96 -8.94 -13.26 -8.45
CA TYR B 96 -10.18 -12.59 -8.81
C TYR B 96 -11.32 -13.56 -9.14
N GLY B 97 -11.04 -14.85 -9.31
CA GLY B 97 -12.09 -15.82 -9.55
C GLY B 97 -11.79 -16.73 -10.72
N SER B 98 -12.67 -17.69 -10.94
CA SER B 98 -12.46 -18.65 -12.01
C SER B 98 -13.76 -18.85 -12.77
N TYR B 99 -13.61 -19.37 -13.99
CA TYR B 99 -14.69 -19.51 -14.94
C TYR B 99 -14.45 -20.78 -15.74
N LEU B 100 -15.53 -21.51 -15.99
CA LEU B 100 -15.49 -22.73 -16.78
C LEU B 100 -16.14 -22.40 -18.11
N LYS B 101 -15.43 -22.69 -19.20
CA LYS B 101 -15.85 -22.33 -20.55
C LYS B 101 -15.59 -23.55 -21.43
N ASP B 102 -16.64 -24.31 -21.74
CA ASP B 102 -16.49 -25.58 -22.46
C ASP B 102 -15.53 -26.42 -21.62
N THR B 103 -14.40 -26.88 -22.15
CA THR B 103 -13.43 -27.67 -21.38
C THR B 103 -12.42 -26.84 -20.62
N LYS B 104 -12.41 -25.51 -20.80
CA LYS B 104 -11.32 -24.67 -20.33
C LYS B 104 -11.72 -24.01 -19.01
N LEU B 105 -10.81 -24.07 -18.03
CA LEU B 105 -10.95 -23.34 -16.77
C LEU B 105 -10.07 -22.09 -16.82
N TRP B 106 -10.68 -20.91 -16.74
CA TRP B 106 -9.97 -19.62 -16.74
C TRP B 106 -9.79 -19.18 -15.29
N ILE B 107 -8.56 -19.11 -14.82
CA ILE B 107 -8.25 -18.62 -13.47
C ILE B 107 -7.66 -17.22 -13.58
N ILE B 108 -8.25 -16.28 -12.85
CA ILE B 108 -7.99 -14.85 -13.06
C ILE B 108 -7.31 -14.29 -11.82
N MET B 109 -6.17 -13.66 -12.00
CA MET B 109 -5.45 -13.08 -10.86
C MET B 109 -4.90 -11.70 -11.21
N GLU B 110 -4.47 -11.01 -10.15
CA GLU B 110 -3.78 -9.75 -10.29
C GLU B 110 -2.57 -9.91 -11.20
N TYR B 111 -2.39 -8.95 -12.11
CA TYR B 111 -1.19 -8.90 -12.92
C TYR B 111 -0.13 -8.07 -12.21
N LEU B 112 1.12 -8.53 -12.28
CA LEU B 112 2.23 -7.87 -11.60
C LEU B 112 3.29 -7.53 -12.64
N GLY B 113 3.43 -6.23 -12.91
CA GLY B 113 4.18 -5.78 -14.07
C GLY B 113 5.67 -6.00 -13.99
N GLY B 114 6.21 -6.20 -12.81
CA GLY B 114 7.64 -6.29 -12.72
C GLY B 114 8.22 -7.64 -12.95
N GLY B 115 7.38 -8.67 -13.14
CA GLY B 115 7.90 -10.02 -13.35
C GLY B 115 8.29 -10.71 -12.05
N SER B 116 8.96 -11.84 -12.18
CA SER B 116 9.35 -12.62 -11.02
C SER B 116 10.73 -12.20 -10.50
N ALA B 117 10.94 -12.38 -9.19
CA ALA B 117 12.27 -12.25 -8.61
C ALA B 117 13.32 -12.99 -9.44
N LEU B 118 12.99 -14.18 -9.94
CA LEU B 118 13.92 -14.92 -10.78
C LEU B 118 14.30 -14.14 -12.03
N ASP B 119 13.30 -13.54 -12.71
CA ASP B 119 13.55 -12.79 -13.94
C ASP B 119 14.52 -11.65 -13.67
N LEU B 120 14.36 -11.00 -12.53
CA LEU B 120 15.16 -9.84 -12.19
C LEU B 120 16.60 -10.22 -11.86
N LEU B 121 16.91 -11.51 -11.80
CA LEU B 121 18.30 -11.93 -11.63
C LEU B 121 19.06 -12.02 -12.94
N GLU B 122 18.37 -12.17 -14.08
CA GLU B 122 19.06 -12.37 -15.35
C GLU B 122 20.05 -11.25 -15.69
N PRO B 123 19.69 -9.96 -15.60
CA PRO B 123 20.66 -8.92 -16.02
C PRO B 123 21.99 -8.98 -15.28
N GLY B 124 22.06 -9.52 -14.07
CA GLY B 124 23.27 -9.46 -13.29
C GLY B 124 22.98 -9.35 -11.79
N PRO B 125 24.03 -9.26 -10.97
CA PRO B 125 23.91 -9.59 -9.54
C PRO B 125 23.18 -8.53 -8.72
N LEU B 126 22.36 -8.99 -7.77
CA LEU B 126 21.65 -8.10 -6.86
C LEU B 126 22.58 -7.58 -5.79
N ASP B 127 22.34 -6.35 -5.35
CA ASP B 127 23.08 -5.90 -4.18
C ASP B 127 22.32 -6.27 -2.91
N GLU B 128 22.99 -6.16 -1.77
CA GLU B 128 22.41 -6.65 -0.53
C GLU B 128 21.20 -5.83 -0.09
N THR B 129 21.10 -4.58 -0.51
CA THR B 129 19.88 -3.83 -0.27
C THR B 129 18.70 -4.41 -1.04
N GLN B 130 18.93 -4.81 -2.29
CA GLN B 130 17.84 -5.40 -3.07
C GLN B 130 17.47 -6.76 -2.52
N ILE B 131 18.47 -7.57 -2.20
CA ILE B 131 18.23 -8.88 -1.61
C ILE B 131 17.40 -8.74 -0.35
N ALA B 132 17.81 -7.83 0.53
CA ALA B 132 17.15 -7.75 1.83
C ALA B 132 15.73 -7.26 1.67
N THR B 133 15.53 -6.24 0.83
CA THR B 133 14.17 -5.74 0.61
C THR B 133 13.27 -6.85 0.11
N ILE B 134 13.75 -7.66 -0.84
CA ILE B 134 12.95 -8.74 -1.36
C ILE B 134 12.62 -9.76 -0.26
N LEU B 135 13.64 -10.19 0.49
CA LEU B 135 13.41 -11.13 1.59
C LEU B 135 12.46 -10.57 2.63
N ARG B 136 12.63 -9.32 3.02
CA ARG B 136 11.72 -8.71 3.99
C ARG B 136 10.26 -8.89 3.56
N GLU B 137 9.95 -8.46 2.33
CA GLU B 137 8.57 -8.54 1.86
C GLU B 137 8.13 -9.99 1.72
N ILE B 138 9.06 -10.93 1.55
CA ILE B 138 8.67 -12.33 1.55
C ILE B 138 8.32 -12.78 2.97
N LEU B 139 9.15 -12.40 3.94
CA LEU B 139 8.86 -12.71 5.34
C LEU B 139 7.48 -12.19 5.74
N LYS B 140 7.15 -10.97 5.34
CA LYS B 140 5.83 -10.43 5.66
C LYS B 140 4.73 -11.30 5.07
N GLY B 141 4.92 -11.78 3.85
CA GLY B 141 3.98 -12.73 3.29
C GLY B 141 3.99 -14.05 4.03
N LEU B 142 5.17 -14.51 4.48
CA LEU B 142 5.20 -15.74 5.26
C LEU B 142 4.57 -15.51 6.63
N ASP B 143 4.88 -14.37 7.26
CA ASP B 143 4.22 -14.06 8.53
C ASP B 143 2.70 -14.06 8.36
N TYR B 144 2.19 -13.49 7.27
CA TYR B 144 0.74 -13.51 7.08
C TYR B 144 0.23 -14.93 6.95
N LEU B 145 0.78 -15.70 6.00
CA LEU B 145 0.31 -17.04 5.73
C LEU B 145 0.44 -17.95 6.95
N HIS B 146 1.51 -17.76 7.74
CA HIS B 146 1.70 -18.57 8.92
C HIS B 146 0.79 -18.14 10.06
N SER B 147 0.58 -16.82 10.22
CA SER B 147 -0.41 -16.36 11.18
C SER B 147 -1.79 -16.96 10.90
N GLU B 148 -2.09 -17.28 9.64
CA GLU B 148 -3.35 -17.88 9.25
C GLU B 148 -3.33 -19.41 9.26
N LYS B 149 -2.32 -20.02 9.91
CA LYS B 149 -2.16 -21.48 9.90
C LYS B 149 -2.15 -22.06 8.49
N LYS B 150 -1.61 -21.31 7.53
CA LYS B 150 -1.37 -21.78 6.17
C LYS B 150 0.13 -21.87 5.94
N ILE B 151 0.52 -22.61 4.91
CA ILE B 151 1.92 -22.80 4.55
C ILE B 151 2.04 -22.64 3.04
N HIS B 152 3.02 -21.84 2.59
CA HIS B 152 3.10 -21.56 1.16
C HIS B 152 3.50 -22.81 0.38
N ARG B 153 4.54 -23.51 0.84
CA ARG B 153 4.99 -24.81 0.31
C ARG B 153 5.89 -24.75 -0.91
N ASP B 154 5.92 -23.64 -1.65
CA ASP B 154 6.79 -23.58 -2.83
C ASP B 154 7.47 -22.20 -2.89
N ILE B 155 8.18 -21.85 -1.83
CA ILE B 155 8.91 -20.59 -1.78
C ILE B 155 10.17 -20.69 -2.63
N LYS B 156 10.21 -19.91 -3.71
CA LYS B 156 11.38 -19.78 -4.57
C LYS B 156 11.23 -18.49 -5.37
N ALA B 157 12.34 -18.02 -5.94
CA ALA B 157 12.32 -16.72 -6.63
C ALA B 157 11.42 -16.75 -7.86
N ALA B 158 11.22 -17.91 -8.49
CA ALA B 158 10.31 -17.94 -9.62
C ALA B 158 8.86 -17.73 -9.21
N ASN B 159 8.56 -17.83 -7.92
CA ASN B 159 7.20 -17.67 -7.41
C ASN B 159 7.02 -16.40 -6.62
N VAL B 160 8.00 -15.50 -6.67
CA VAL B 160 7.92 -14.19 -6.05
C VAL B 160 7.70 -13.18 -7.18
N LEU B 161 6.59 -12.43 -7.12
CA LEU B 161 6.22 -11.50 -8.18
C LEU B 161 6.29 -10.05 -7.72
N LEU B 162 6.66 -9.17 -8.65
CA LEU B 162 6.84 -7.74 -8.36
C LEU B 162 5.88 -6.91 -9.19
N SER B 163 5.21 -5.96 -8.54
CA SER B 163 4.50 -4.93 -9.29
C SER B 163 5.50 -3.99 -9.96
N GLU B 164 5.03 -3.24 -10.95
CA GLU B 164 5.95 -2.33 -11.61
C GLU B 164 6.45 -1.25 -10.65
N HIS B 165 5.75 -1.04 -9.54
CA HIS B 165 6.18 -0.10 -8.53
C HIS B 165 7.14 -0.73 -7.52
N GLY B 166 7.49 -2.00 -7.69
CA GLY B 166 8.39 -2.68 -6.78
C GLY B 166 7.74 -3.39 -5.62
N GLU B 167 6.41 -3.42 -5.54
CA GLU B 167 5.72 -4.22 -4.52
C GLU B 167 5.98 -5.72 -4.76
N VAL B 168 6.14 -6.48 -3.67
CA VAL B 168 6.61 -7.86 -3.73
C VAL B 168 5.53 -8.79 -3.16
N LYS B 169 5.07 -9.75 -3.99
CA LYS B 169 3.98 -10.65 -3.60
C LYS B 169 4.35 -12.08 -3.90
N LEU B 170 3.82 -12.98 -3.09
CA LEU B 170 3.97 -14.40 -3.37
C LEU B 170 2.86 -14.91 -4.30
N ALA B 171 3.21 -15.91 -5.11
CA ALA B 171 2.29 -16.54 -6.05
C ALA B 171 2.47 -18.06 -5.97
N ASP B 172 1.71 -18.79 -6.80
CA ASP B 172 1.85 -20.23 -7.07
C ASP B 172 2.10 -21.08 -5.83
N PHE B 173 1.12 -21.23 -4.94
CA PHE B 173 1.37 -22.07 -3.78
C PHE B 173 1.72 -23.50 -4.20
N GLY B 174 2.42 -24.19 -3.30
CA GLY B 174 2.75 -25.58 -3.52
C GLY B 174 1.63 -26.51 -3.06
N VAL B 175 1.41 -27.57 -3.84
CA VAL B 175 0.29 -28.49 -3.64
C VAL B 175 0.59 -29.43 -2.47
N ALA B 176 -0.38 -29.57 -1.57
CA ALA B 176 -0.18 -30.44 -0.40
C ALA B 176 -0.54 -31.89 -0.71
N THR B 192 10.91 -30.99 -8.71
CA THR B 192 12.04 -30.10 -8.37
C THR B 192 12.30 -30.16 -6.89
N PRO B 193 13.47 -30.66 -6.51
CA PRO B 193 13.77 -30.80 -5.07
C PRO B 193 14.54 -29.64 -4.44
N PHE B 194 15.11 -28.74 -5.25
CA PHE B 194 16.21 -27.91 -4.75
C PHE B 194 15.83 -27.01 -3.58
N TRP B 195 14.57 -26.56 -3.50
CA TRP B 195 14.18 -25.66 -2.42
C TRP B 195 13.49 -26.40 -1.27
N MET B 196 13.42 -27.73 -1.32
CA MET B 196 12.65 -28.51 -0.37
C MET B 196 13.37 -28.67 0.96
N ALA B 197 12.66 -28.40 2.05
CA ALA B 197 13.18 -28.74 3.37
C ALA B 197 13.48 -30.24 3.45
N PRO B 198 14.43 -30.65 4.30
CA PRO B 198 14.74 -32.09 4.36
C PRO B 198 13.59 -32.92 4.92
N GLU B 199 12.91 -32.41 5.96
CA GLU B 199 11.74 -33.11 6.46
C GLU B 199 10.66 -33.26 5.40
N VAL B 200 10.55 -32.29 4.48
CA VAL B 200 9.61 -32.44 3.38
C VAL B 200 10.03 -33.60 2.48
N ILE B 201 11.33 -33.76 2.26
CA ILE B 201 11.83 -34.82 1.38
C ILE B 201 11.72 -36.18 2.06
N LYS B 202 12.11 -36.26 3.33
CA LYS B 202 11.87 -37.46 4.10
C LYS B 202 10.37 -37.71 4.23
N GLN B 203 9.58 -36.89 3.51
CA GLN B 203 8.12 -36.93 3.50
C GLN B 203 7.57 -37.11 4.91
N SER B 204 8.30 -36.56 5.89
CA SER B 204 8.00 -36.65 7.30
C SER B 204 6.95 -35.60 7.70
N ALA B 205 6.73 -35.44 9.00
CA ALA B 205 5.87 -34.36 9.50
C ALA B 205 6.54 -33.04 9.20
N TYR B 206 5.84 -32.15 8.48
N TYR B 206 5.84 -32.15 8.48
CA TYR B 206 6.40 -30.85 8.19
CA TYR B 206 6.40 -30.85 8.19
C TYR B 206 5.31 -29.79 8.32
C TYR B 206 5.31 -29.79 8.32
N ASP B 207 5.67 -28.67 8.94
CA ASP B 207 4.76 -27.56 9.14
C ASP B 207 5.33 -26.31 8.50
N SER B 208 4.99 -25.15 9.06
CA SER B 208 5.40 -23.88 8.48
C SER B 208 6.91 -23.69 8.44
N LYS B 209 7.67 -24.38 9.30
CA LYS B 209 9.12 -24.16 9.32
C LYS B 209 9.77 -24.61 8.02
N ALA B 210 9.07 -25.46 7.25
CA ALA B 210 9.55 -25.80 5.91
C ALA B 210 9.74 -24.56 5.05
N ASP B 211 8.81 -23.60 5.16
CA ASP B 211 8.90 -22.33 4.43
C ASP B 211 10.18 -21.57 4.80
N ILE B 212 10.51 -21.51 6.08
CA ILE B 212 11.75 -20.87 6.46
C ILE B 212 12.94 -21.51 5.73
N TRP B 213 12.98 -22.84 5.67
CA TRP B 213 14.08 -23.49 4.96
C TRP B 213 14.12 -23.01 3.51
N SER B 214 12.96 -23.06 2.84
CA SER B 214 12.84 -22.56 1.48
C SER B 214 13.23 -21.10 1.38
N LEU B 215 12.91 -20.32 2.39
CA LEU B 215 13.36 -18.95 2.38
C LEU B 215 14.89 -18.88 2.40
N GLY B 216 15.53 -19.81 3.13
CA GLY B 216 16.99 -19.85 3.14
C GLY B 216 17.57 -20.19 1.79
N ILE B 217 17.03 -21.21 1.13
CA ILE B 217 17.48 -21.55 -0.21
C ILE B 217 17.26 -20.37 -1.15
N THR B 218 16.13 -19.67 -0.99
CA THR B 218 15.84 -18.51 -1.83
C THR B 218 16.84 -17.39 -1.56
N ALA B 219 17.27 -17.23 -0.31
CA ALA B 219 18.24 -16.17 -0.02
C ALA B 219 19.53 -16.41 -0.77
N ILE B 220 20.00 -17.67 -0.76
CA ILE B 220 21.14 -18.03 -1.58
C ILE B 220 20.85 -17.74 -3.05
N GLU B 221 19.67 -18.13 -3.52
CA GLU B 221 19.33 -17.93 -4.92
C GLU B 221 19.37 -16.45 -5.28
N LEU B 222 18.97 -15.59 -4.36
CA LEU B 222 18.98 -14.18 -4.72
C LEU B 222 20.40 -13.63 -4.73
N ALA B 223 21.30 -14.23 -3.94
CA ALA B 223 22.69 -13.79 -3.94
C ALA B 223 23.49 -14.39 -5.09
N ARG B 224 23.28 -15.67 -5.40
CA ARG B 224 24.16 -16.34 -6.33
C ARG B 224 23.48 -16.73 -7.63
N GLY B 225 22.17 -16.53 -7.76
CA GLY B 225 21.48 -16.79 -9.01
C GLY B 225 20.94 -18.21 -9.17
N GLU B 226 21.48 -19.18 -8.42
CA GLU B 226 21.12 -20.60 -8.52
C GLU B 226 20.99 -21.15 -7.10
N PRO B 227 19.98 -21.98 -6.84
CA PRO B 227 19.93 -22.73 -5.58
C PRO B 227 21.12 -23.67 -5.48
N PRO B 228 21.55 -24.03 -4.26
CA PRO B 228 22.58 -25.07 -4.10
C PRO B 228 22.26 -26.33 -4.92
N HIS B 229 23.30 -27.01 -5.40
CA HIS B 229 23.23 -28.29 -6.10
C HIS B 229 22.57 -28.16 -7.48
N SER B 230 22.40 -26.95 -8.00
CA SER B 230 21.70 -26.77 -9.27
C SER B 230 22.39 -27.47 -10.42
N GLU B 231 23.63 -27.89 -10.23
CA GLU B 231 24.37 -28.60 -11.26
C GLU B 231 24.21 -30.12 -11.18
N LEU B 232 23.48 -30.65 -10.20
CA LEU B 232 23.29 -32.09 -10.09
C LEU B 232 21.92 -32.53 -10.59
N HIS B 233 21.81 -33.81 -10.89
CA HIS B 233 20.53 -34.36 -11.29
C HIS B 233 19.55 -34.25 -10.13
N PRO B 234 18.29 -33.89 -10.38
CA PRO B 234 17.30 -33.83 -9.30
C PRO B 234 17.29 -35.06 -8.42
N MET B 235 17.39 -36.25 -9.03
CA MET B 235 17.30 -37.47 -8.24
C MET B 235 18.50 -37.62 -7.31
N LYS B 236 19.68 -37.17 -7.74
CA LYS B 236 20.79 -37.15 -6.80
C LYS B 236 20.55 -36.13 -5.69
N VAL B 237 19.84 -35.04 -6.00
CA VAL B 237 19.60 -34.01 -4.99
C VAL B 237 18.64 -34.51 -3.92
N LEU B 238 17.71 -35.39 -4.29
CA LEU B 238 16.73 -35.91 -3.34
C LEU B 238 17.40 -36.59 -2.16
N PHE B 239 18.52 -37.27 -2.37
CA PHE B 239 19.18 -37.86 -1.21
C PHE B 239 20.27 -36.98 -0.61
N LEU B 240 20.78 -36.00 -1.35
CA LEU B 240 21.82 -35.14 -0.79
C LEU B 240 21.26 -34.25 0.33
N ILE B 241 20.13 -33.59 0.06
CA ILE B 241 19.57 -32.66 1.03
C ILE B 241 19.41 -33.30 2.42
N PRO B 242 18.72 -34.44 2.56
CA PRO B 242 18.63 -35.03 3.91
C PRO B 242 19.95 -35.53 4.42
N LYS B 243 20.81 -36.05 3.52
CA LYS B 243 22.08 -36.65 3.92
C LYS B 243 23.12 -35.60 4.33
N ASN B 244 23.34 -34.58 3.51
CA ASN B 244 24.50 -33.71 3.76
C ASN B 244 24.20 -32.61 4.78
N ASN B 245 25.26 -31.93 5.21
CA ASN B 245 25.13 -30.71 5.98
C ASN B 245 24.36 -29.67 5.16
N PRO B 246 23.72 -28.70 5.83
CA PRO B 246 22.89 -27.76 5.09
C PRO B 246 23.74 -26.79 4.29
N PRO B 247 23.21 -26.26 3.20
CA PRO B 247 24.03 -25.38 2.36
C PRO B 247 24.37 -24.10 3.10
N THR B 248 25.50 -23.50 2.74
CA THR B 248 25.86 -22.19 3.27
C THR B 248 26.13 -21.24 2.12
N LEU B 249 25.97 -19.94 2.42
CA LEU B 249 26.15 -18.90 1.42
C LEU B 249 27.63 -18.63 1.29
N GLU B 250 28.20 -18.92 0.12
CA GLU B 250 29.63 -18.76 -0.10
C GLU B 250 29.87 -17.61 -1.07
N GLY B 251 30.97 -16.91 -0.85
CA GLY B 251 31.29 -15.70 -1.57
C GLY B 251 31.53 -14.56 -0.61
N ASN B 252 31.76 -13.38 -1.20
CA ASN B 252 32.13 -12.18 -0.45
C ASN B 252 30.88 -11.41 -0.03
N TYR B 253 30.09 -12.04 0.83
CA TYR B 253 28.89 -11.41 1.36
C TYR B 253 29.11 -11.05 2.82
N SER B 254 28.25 -10.17 3.32
CA SER B 254 28.37 -9.72 4.71
C SER B 254 28.09 -10.87 5.66
N LYS B 255 28.69 -10.80 6.85
CA LYS B 255 28.37 -11.80 7.88
C LYS B 255 26.87 -11.87 8.15
N PRO B 256 26.14 -10.76 8.37
CA PRO B 256 24.71 -10.89 8.66
C PRO B 256 23.92 -11.62 7.58
N LEU B 257 24.25 -11.42 6.30
CA LEU B 257 23.57 -12.16 5.25
C LEU B 257 23.88 -13.65 5.33
N LYS B 258 25.13 -14.01 5.66
CA LYS B 258 25.46 -15.43 5.82
C LYS B 258 24.80 -16.01 7.05
N GLU B 259 24.65 -15.19 8.11
CA GLU B 259 23.96 -15.65 9.30
C GLU B 259 22.46 -15.83 9.04
N PHE B 260 21.87 -14.94 8.24
CA PHE B 260 20.47 -15.13 7.84
C PHE B 260 20.28 -16.48 7.18
N VAL B 261 21.13 -16.79 6.20
CA VAL B 261 21.01 -18.05 5.49
C VAL B 261 21.21 -19.22 6.45
N GLU B 262 22.22 -19.11 7.32
CA GLU B 262 22.54 -20.20 8.23
C GLU B 262 21.40 -20.43 9.22
N ALA B 263 20.80 -19.36 9.73
CA ALA B 263 19.62 -19.49 10.59
C ALA B 263 18.47 -20.22 9.90
N CYS B 264 18.19 -19.89 8.63
CA CYS B 264 17.06 -20.55 7.96
C CYS B 264 17.40 -21.99 7.62
N LEU B 265 18.67 -22.28 7.36
CA LEU B 265 19.10 -23.59 6.89
C LEU B 265 19.72 -24.41 8.02
N ASN B 266 18.88 -24.68 9.01
CA ASN B 266 19.15 -25.67 10.03
C ASN B 266 18.43 -26.94 9.64
N LYS B 267 19.18 -28.07 9.61
CA LYS B 267 18.56 -29.35 9.26
C LYS B 267 17.38 -29.66 10.16
N GLU B 268 17.33 -29.08 11.37
CA GLU B 268 16.28 -29.35 12.33
C GLU B 268 15.27 -28.22 12.35
N PRO B 269 14.00 -28.48 12.02
CA PRO B 269 13.01 -27.38 11.92
C PRO B 269 12.88 -26.52 13.16
N SER B 270 12.88 -27.15 14.36
CA SER B 270 12.63 -26.37 15.58
C SER B 270 13.68 -25.31 15.82
N PHE B 271 14.93 -25.61 15.46
CA PHE B 271 16.00 -24.61 15.59
C PHE B 271 15.79 -23.42 14.64
N ARG B 272 15.07 -23.62 13.53
CA ARG B 272 14.80 -22.54 12.58
C ARG B 272 13.93 -21.46 13.23
N PRO B 273 14.16 -20.20 12.91
CA PRO B 273 13.34 -19.11 13.46
C PRO B 273 12.04 -18.94 12.71
N THR B 274 11.08 -18.28 13.37
CA THR B 274 9.83 -17.92 12.73
C THR B 274 10.04 -16.78 11.73
N ALA B 275 8.99 -16.50 10.96
CA ALA B 275 9.02 -15.32 10.10
C ALA B 275 9.02 -14.03 10.92
N LYS B 276 8.23 -13.97 11.99
CA LYS B 276 8.24 -12.80 12.87
C LYS B 276 9.63 -12.52 13.41
N GLU B 277 10.30 -13.55 13.92
CA GLU B 277 11.67 -13.41 14.36
C GLU B 277 12.54 -12.85 13.24
N LEU B 278 12.53 -13.53 12.07
CA LEU B 278 13.45 -13.17 11.00
C LEU B 278 13.19 -11.76 10.47
N LEU B 279 11.97 -11.25 10.60
CA LEU B 279 11.72 -9.86 10.24
C LEU B 279 12.55 -8.91 11.08
N LYS B 280 12.94 -9.36 12.28
CA LYS B 280 13.81 -8.55 13.13
C LYS B 280 15.30 -8.88 12.96
N HIS B 281 15.66 -9.78 12.03
CA HIS B 281 17.06 -10.15 11.90
C HIS B 281 17.89 -8.95 11.45
N LYS B 282 19.14 -8.90 11.95
CA LYS B 282 20.01 -7.76 11.70
C LYS B 282 20.17 -7.52 10.21
N PHE B 283 20.25 -8.59 9.43
CA PHE B 283 20.44 -8.39 8.00
C PHE B 283 19.31 -7.56 7.42
N ILE B 284 18.07 -7.87 7.82
CA ILE B 284 16.92 -7.15 7.30
C ILE B 284 16.96 -5.69 7.73
N LEU B 285 16.99 -5.46 9.05
CA LEU B 285 16.91 -4.10 9.58
C LEU B 285 18.01 -3.20 9.00
N ARG B 286 19.23 -3.69 8.93
CA ARG B 286 20.32 -2.86 8.41
C ARG B 286 20.24 -2.60 6.91
N ASN B 287 19.75 -3.56 6.11
CA ASN B 287 19.92 -3.46 4.68
C ASN B 287 18.65 -3.19 3.89
N ALA B 288 17.47 -3.40 4.47
CA ALA B 288 16.22 -3.36 3.69
C ALA B 288 15.70 -1.94 3.63
N LYS B 289 15.51 -1.43 2.43
CA LYS B 289 15.02 -0.07 2.25
C LYS B 289 13.61 -0.12 1.62
N LYS B 290 13.11 1.04 1.18
CA LYS B 290 11.74 1.13 0.66
C LYS B 290 11.61 0.29 -0.60
N THR B 291 10.47 -0.40 -0.73
CA THR B 291 10.31 -1.29 -1.89
C THR B 291 10.28 -0.51 -3.20
N SER B 292 9.89 0.76 -3.16
CA SER B 292 9.89 1.55 -4.38
C SER B 292 11.28 1.63 -4.99
N TYR B 293 12.32 1.54 -4.17
CA TYR B 293 13.69 1.50 -4.68
C TYR B 293 13.90 0.34 -5.66
N LEU B 294 13.11 -0.74 -5.53
CA LEU B 294 13.23 -1.87 -6.44
C LEU B 294 12.82 -1.52 -7.86
N THR B 295 12.12 -0.40 -8.02
CA THR B 295 11.76 0.09 -9.34
C THR B 295 12.99 0.24 -10.23
N GLU B 296 14.15 0.53 -9.64
CA GLU B 296 15.39 0.60 -10.41
C GLU B 296 15.71 -0.76 -11.02
N LEU B 297 15.60 -1.82 -10.21
CA LEU B 297 15.91 -3.17 -10.68
C LEU B 297 14.98 -3.61 -11.81
N ILE B 298 13.70 -3.23 -11.75
CA ILE B 298 12.75 -3.66 -12.78
C ILE B 298 12.97 -2.91 -14.08
N ASP B 299 13.27 -1.61 -13.97
CA ASP B 299 13.62 -0.82 -15.15
C ASP B 299 14.86 -1.39 -15.84
N ALA B 300 15.90 -1.66 -15.06
CA ALA B 300 17.09 -2.32 -15.61
C ALA B 300 16.71 -3.55 -16.43
N HIS B 301 16.05 -4.51 -15.79
CA HIS B 301 15.71 -5.75 -16.49
C HIS B 301 14.81 -5.50 -17.69
N HIS B 302 13.85 -4.59 -17.56
CA HIS B 302 13.01 -4.18 -18.69
C HIS B 302 13.65 -2.99 -19.41
N HIS B 303 14.86 -3.24 -19.93
CA HIS B 303 15.64 -2.31 -20.77
C HIS B 303 16.94 -3.00 -21.23
#